data_3G3L
#
_entry.id   3G3L
#
_cell.length_a   107.621
_cell.length_b   107.621
_cell.length_c   89.296
_cell.angle_alpha   90.000
_cell.angle_beta   90.000
_cell.angle_gamma   120.000
#
_symmetry.space_group_name_H-M   'P 32 2 1'
#
loop_
_entity.id
_entity.type
_entity.pdbx_description
1 polymer 'Putative uncharacterized membrane-associated protein'
2 non-polymer 'SULFATE ION'
3 non-polymer GLYCEROL
4 water water
#
_entity_poly.entity_id   1
_entity_poly.type   'polypeptide(L)'
_entity_poly.pdbx_seq_one_letter_code
;GAEVDQATKPAEAKYYIAGTITDATTGQELTTAKVTLGDKSVTSSFNEQVNYKAEGYALVVSADGYYPVKRQVYLNQVSD
GQTSVATVNVALVSVEAAVIPPVVPPTDPETDINEGEATKVADKAVEVAKPSESTVTD(MSE)LAGTTATPEEKKALDET
LE(MSE)AGG(MSE)KVGETTPEVLADGSILAITPVKFTNPIQDAPA(MSE)VPYFYNEGCELTGDVKEVAAPVTRADGA
VAADIQKAFLSNAAKALN(MSE)NAGFVQKIGYTRISVLNGYSILGYTIKGQLVSKKLTFLISGKYYEGIVSYQKSV
(MSE)IYPNYYSHDSHDSHDSHGFNPNAGGGSND
;
_entity_poly.pdbx_strand_id   A
#
# COMPACT_ATOMS: atom_id res chain seq x y z
N PRO A 10 13.05 21.99 -12.16
CA PRO A 10 12.22 20.82 -11.82
C PRO A 10 11.91 20.80 -10.30
N ALA A 11 10.66 20.52 -9.93
CA ALA A 11 10.24 20.54 -8.51
C ALA A 11 10.93 19.44 -7.70
N GLU A 12 11.21 19.70 -6.43
CA GLU A 12 11.85 18.69 -5.58
C GLU A 12 10.87 17.52 -5.28
N ALA A 13 11.44 16.36 -4.93
CA ALA A 13 10.68 15.16 -4.58
C ALA A 13 9.69 15.51 -3.48
N LYS A 14 8.40 15.20 -3.64
CA LYS A 14 7.37 15.44 -2.61
C LYS A 14 7.11 14.12 -1.86
N TYR A 15 6.95 14.19 -0.52
CA TYR A 15 6.70 13.02 0.34
C TYR A 15 5.42 13.14 1.16
N TYR A 16 4.67 12.04 1.25
CA TYR A 16 3.43 11.95 2.01
C TYR A 16 3.39 10.65 2.81
N ILE A 17 2.65 10.68 3.93
CA ILE A 17 2.33 9.51 4.74
C ILE A 17 0.79 9.50 4.79
N ALA A 18 0.18 8.46 4.24
CA ALA A 18 -1.27 8.32 4.18
C ALA A 18 -1.64 6.98 4.74
N GLY A 19 -2.78 6.96 5.43
CA GLY A 19 -3.24 5.70 5.99
C GLY A 19 -4.51 5.73 6.76
N THR A 20 -4.89 4.57 7.27
CA THR A 20 -6.11 4.41 8.04
C THR A 20 -5.92 3.52 9.26
N ILE A 21 -6.55 3.91 10.36
CA ILE A 21 -6.59 3.10 11.58
C ILE A 21 -7.94 2.37 11.59
N THR A 22 -7.89 1.04 11.60
CA THR A 22 -9.06 0.20 11.59
C THR A 22 -9.05 -0.81 12.72
N ASP A 23 -10.20 -1.46 12.92
CA ASP A 23 -10.37 -2.59 13.85
C ASP A 23 -9.88 -3.84 13.08
N ALA A 24 -8.92 -4.59 13.65
CA ALA A 24 -8.39 -5.81 13.01
C ALA A 24 -9.46 -6.90 12.69
N THR A 25 -10.55 -6.94 13.45
CA THR A 25 -11.62 -7.93 13.28
C THR A 25 -12.68 -7.49 12.29
N THR A 26 -13.21 -6.27 12.42
CA THR A 26 -14.29 -5.80 11.53
C THR A 26 -13.82 -5.08 10.30
N GLY A 27 -12.59 -4.58 10.29
CA GLY A 27 -12.12 -3.78 9.21
C GLY A 27 -12.67 -2.36 9.14
N GLN A 28 -13.53 -1.98 10.08
CA GLN A 28 -14.09 -0.63 10.07
CA GLN A 28 -14.10 -0.64 10.13
C GLN A 28 -13.09 0.36 10.68
N GLU A 29 -13.17 1.61 10.25
CA GLU A 29 -12.28 2.66 10.73
C GLU A 29 -12.54 2.95 12.22
N LEU A 30 -11.49 3.05 13.03
CA LEU A 30 -11.62 3.36 14.48
C LEU A 30 -11.50 4.86 14.67
N THR A 31 -12.62 5.58 14.47
CA THR A 31 -12.66 7.06 14.52
C THR A 31 -12.34 7.71 15.88
N THR A 32 -12.41 6.95 16.96
CA THR A 32 -12.03 7.41 18.30
C THR A 32 -10.58 7.06 18.67
N ALA A 33 -9.82 6.44 17.75
CA ALA A 33 -8.40 6.11 18.02
C ALA A 33 -7.61 7.41 18.24
N LYS A 34 -6.65 7.38 19.17
CA LYS A 34 -5.72 8.48 19.43
C LYS A 34 -4.52 8.13 18.52
N VAL A 35 -4.19 9.06 17.61
CA VAL A 35 -3.11 8.87 16.63
C VAL A 35 -2.19 10.09 16.59
N THR A 36 -0.89 9.86 16.68
CA THR A 36 0.11 10.92 16.46
C THR A 36 1.06 10.40 15.37
N LEU A 37 1.39 11.27 14.45
CA LEU A 37 2.34 11.01 13.36
C LEU A 37 3.40 12.08 13.55
N GLY A 38 4.57 11.68 13.99
CA GLY A 38 5.63 12.59 14.32
C GLY A 38 5.17 13.39 15.53
N ASP A 39 5.27 14.70 15.44
CA ASP A 39 4.78 15.56 16.53
C ASP A 39 3.28 15.96 16.40
N LYS A 40 2.56 15.49 15.35
CA LYS A 40 1.23 15.95 15.02
C LYS A 40 0.09 14.98 15.35
N SER A 41 -0.96 15.52 15.97
CA SER A 41 -2.19 14.78 16.27
C SER A 41 -2.96 14.66 14.94
N VAL A 42 -3.29 13.46 14.53
CA VAL A 42 -4.04 13.22 13.27
C VAL A 42 -5.26 12.33 13.55
N THR A 43 -6.21 12.34 12.64
CA THR A 43 -7.41 11.51 12.74
C THR A 43 -7.08 10.09 12.28
N SER A 44 -8.04 9.19 12.43
CA SER A 44 -7.94 7.80 11.98
C SER A 44 -7.82 7.65 10.45
N SER A 45 -8.08 8.70 9.68
CA SER A 45 -7.92 8.68 8.23
C SER A 45 -7.04 9.90 7.93
N PHE A 46 -5.73 9.66 7.79
CA PHE A 46 -4.74 10.74 7.67
C PHE A 46 -3.99 10.74 6.34
N ASN A 47 -3.52 11.92 5.96
CA ASN A 47 -2.74 12.12 4.75
C ASN A 47 -1.93 13.37 5.04
N GLU A 48 -0.63 13.22 5.31
CA GLU A 48 0.21 14.36 5.68
C GLU A 48 1.42 14.46 4.78
N GLN A 49 1.70 15.68 4.32
CA GLN A 49 2.91 15.95 3.57
C GLN A 49 4.04 16.05 4.59
N VAL A 50 5.16 15.42 4.32
CA VAL A 50 6.31 15.48 5.23
C VAL A 50 7.60 15.77 4.44
N ASN A 51 8.62 16.23 5.14
CA ASN A 51 9.97 16.39 4.59
C ASN A 51 10.65 15.02 4.71
N TYR A 52 11.53 14.70 3.75
CA TYR A 52 12.31 13.48 3.82
C TYR A 52 13.19 13.50 5.08
N LYS A 53 13.17 12.41 5.84
CA LYS A 53 14.05 12.19 7.00
C LYS A 53 14.42 10.74 6.96
N ALA A 54 15.72 10.42 7.06
CA ALA A 54 16.17 9.02 7.11
C ALA A 54 15.65 8.32 8.36
N GLU A 55 15.49 9.08 9.45
CA GLU A 55 14.96 8.57 10.74
C GLU A 55 13.50 8.08 10.63
N GLY A 56 12.76 8.57 9.64
CA GLY A 56 11.36 8.21 9.49
C GLY A 56 10.52 9.04 10.46
N TYR A 57 9.28 8.60 10.64
CA TYR A 57 8.29 9.25 11.49
C TYR A 57 7.60 8.24 12.37
N ALA A 58 7.49 8.56 13.66
CA ALA A 58 6.82 7.66 14.62
C ALA A 58 5.31 7.80 14.49
N LEU A 59 4.63 6.69 14.18
CA LEU A 59 3.15 6.62 14.18
C LEU A 59 2.78 5.90 15.48
N VAL A 60 2.08 6.58 16.39
CA VAL A 60 1.67 6.02 17.68
C VAL A 60 0.14 6.00 17.70
N VAL A 61 -0.41 4.82 17.99
CA VAL A 61 -1.84 4.55 17.90
C VAL A 61 -2.34 3.80 19.14
N SER A 62 -3.43 4.29 19.72
CA SER A 62 -4.08 3.60 20.83
C SER A 62 -5.60 3.82 20.75
N ALA A 63 -6.34 2.90 21.39
CA ALA A 63 -7.82 2.99 21.49
C ALA A 63 -8.23 2.10 22.66
N ASP A 64 -9.19 2.57 23.46
CA ASP A 64 -9.67 1.84 24.62
C ASP A 64 -10.21 0.48 24.17
N GLY A 65 -9.74 -0.58 24.80
CA GLY A 65 -10.13 -1.93 24.47
C GLY A 65 -9.26 -2.65 23.43
N TYR A 66 -8.28 -1.95 22.87
CA TYR A 66 -7.35 -2.52 21.91
C TYR A 66 -5.90 -2.45 22.42
N TYR A 67 -5.06 -3.29 21.88
CA TYR A 67 -3.63 -3.20 22.16
C TYR A 67 -3.06 -2.02 21.35
N PRO A 68 -2.25 -1.15 21.99
CA PRO A 68 -1.64 -0.04 21.27
C PRO A 68 -0.58 -0.52 20.26
N VAL A 69 -0.34 0.26 19.21
CA VAL A 69 0.68 -0.02 18.18
C VAL A 69 1.53 1.24 17.92
N LYS A 70 2.86 1.03 17.86
CA LYS A 70 3.85 2.03 17.45
C LYS A 70 4.46 1.44 16.17
N ARG A 71 4.59 2.27 15.14
CA ARG A 71 5.22 1.87 13.90
C ARG A 71 6.08 3.03 13.41
N GLN A 72 7.31 2.75 12.98
CA GLN A 72 8.19 3.79 12.46
C GLN A 72 7.94 3.78 10.94
N VAL A 73 7.54 4.91 10.38
CA VAL A 73 7.20 5.00 8.97
C VAL A 73 8.41 5.62 8.25
N TYR A 74 8.95 4.88 7.28
CA TYR A 74 10.07 5.31 6.46
C TYR A 74 9.59 5.69 5.08
N LEU A 75 10.29 6.62 4.47
CA LEU A 75 9.95 7.14 3.16
C LEU A 75 10.84 6.47 2.10
N ASN A 76 10.24 6.14 0.98
CA ASN A 76 10.92 5.52 -0.17
C ASN A 76 11.38 6.73 -0.97
N GLN A 77 12.69 7.00 -0.97
CA GLN A 77 13.24 8.17 -1.70
CA GLN A 77 13.28 8.14 -1.70
C GLN A 77 12.99 8.13 -3.21
N VAL A 78 12.60 9.28 -3.76
CA VAL A 78 12.37 9.46 -5.21
C VAL A 78 13.15 10.70 -5.65
N SER A 79 13.10 11.04 -6.93
CA SER A 79 13.85 12.15 -7.53
C SER A 79 12.97 13.37 -7.78
N ASP A 80 13.57 14.40 -8.39
CA ASP A 80 12.88 15.64 -8.74
C ASP A 80 11.65 15.37 -9.59
N GLY A 81 10.56 16.07 -9.31
CA GLY A 81 9.29 15.90 -10.01
C GLY A 81 8.42 14.71 -9.61
N GLN A 82 8.96 13.79 -8.79
CA GLN A 82 8.27 12.56 -8.37
C GLN A 82 7.66 12.74 -7.00
N THR A 83 6.69 11.89 -6.69
CA THR A 83 5.97 11.88 -5.41
C THR A 83 6.07 10.47 -4.84
N SER A 84 6.27 10.36 -3.53
CA SER A 84 6.36 9.09 -2.83
C SER A 84 5.45 9.15 -1.60
N VAL A 85 4.57 8.16 -1.47
CA VAL A 85 3.61 8.09 -0.39
C VAL A 85 3.83 6.82 0.43
N ALA A 86 4.19 6.95 1.72
CA ALA A 86 4.26 5.81 2.65
C ALA A 86 2.77 5.47 2.94
N THR A 87 2.37 4.24 2.63
CA THR A 87 0.96 3.78 2.74
C THR A 87 0.87 2.88 3.97
N VAL A 88 0.14 3.31 4.99
CA VAL A 88 0.08 2.67 6.31
C VAL A 88 -1.34 2.25 6.71
N ASN A 89 -1.56 0.98 6.97
CA ASN A 89 -2.83 0.53 7.59
C ASN A 89 -2.37 -0.01 8.91
N VAL A 90 -2.90 0.55 10.00
CA VAL A 90 -2.68 0.02 11.34
C VAL A 90 -4.06 -0.48 11.78
N ALA A 91 -4.19 -1.79 11.91
CA ALA A 91 -5.40 -2.45 12.36
C ALA A 91 -5.12 -2.90 13.79
N LEU A 92 -5.87 -2.33 14.76
CA LEU A 92 -5.71 -2.63 16.18
C LEU A 92 -6.51 -3.87 16.54
N VAL A 93 -5.90 -4.74 17.34
CA VAL A 93 -6.47 -5.98 17.80
C VAL A 93 -7.10 -5.73 19.19
N SER A 94 -8.36 -6.13 19.32
CA SER A 94 -9.12 -6.06 20.56
C SER A 94 -8.45 -6.91 21.61
N VAL A 95 -8.48 -6.47 22.87
CA VAL A 95 -7.94 -7.28 23.97
C VAL A 95 -8.76 -8.56 24.17
N GLU A 96 -9.98 -8.61 23.61
CA GLU A 96 -10.86 -9.79 23.64
C GLU A 96 -10.69 -10.73 22.42
N ALA A 97 -10.02 -10.33 21.34
CA ALA A 97 -9.93 -11.18 20.12
C ALA A 97 -9.10 -12.45 20.35
N ALA A 98 -9.56 -13.59 19.84
CA ALA A 98 -8.79 -14.85 19.86
C ALA A 98 -7.78 -14.74 18.71
N VAL A 99 -6.51 -14.92 19.00
CA VAL A 99 -5.43 -14.78 18.02
C VAL A 99 -4.47 -15.96 18.15
N ILE A 100 -4.20 -16.67 17.06
CA ILE A 100 -3.13 -17.69 17.03
C ILE A 100 -1.84 -16.91 16.70
N PRO A 101 -0.86 -16.92 17.60
CA PRO A 101 0.39 -16.23 17.23
C PRO A 101 1.20 -16.98 16.16
N PRO A 102 2.00 -16.27 15.34
CA PRO A 102 2.89 -16.95 14.42
C PRO A 102 4.04 -17.61 15.21
N VAL A 103 4.73 -18.59 14.64
CA VAL A 103 5.87 -19.24 15.32
C VAL A 103 6.93 -18.14 15.59
N VAL A 104 7.24 -17.31 14.60
CA VAL A 104 8.14 -16.13 14.74
C VAL A 104 7.40 -14.89 14.20
N PRO A 105 7.48 -13.74 14.91
CA PRO A 105 6.74 -12.55 14.46
C PRO A 105 7.34 -11.92 13.22
N PRO A 106 6.57 -11.07 12.50
CA PRO A 106 7.09 -10.41 11.29
C PRO A 106 8.29 -9.47 11.49
N THR A 107 8.65 -9.13 12.73
CA THR A 107 9.89 -8.39 13.02
C THR A 107 11.13 -9.27 12.92
N ASP A 108 10.98 -10.61 12.93
CA ASP A 108 12.10 -11.50 12.84
C ASP A 108 12.57 -11.53 11.38
N PRO A 109 13.89 -11.37 11.12
CA PRO A 109 14.38 -11.44 9.74
C PRO A 109 14.17 -12.78 9.02
N GLU A 110 13.96 -13.87 9.75
CA GLU A 110 13.57 -15.16 9.14
C GLU A 110 12.27 -15.06 8.36
N THR A 111 11.42 -14.05 8.62
CA THR A 111 10.16 -13.90 7.90
C THR A 111 10.28 -13.13 6.59
N ASP A 112 11.45 -12.52 6.31
CA ASP A 112 11.66 -11.78 5.06
C ASP A 112 11.77 -12.80 3.90
N ILE A 113 11.34 -12.41 2.70
CA ILE A 113 11.52 -13.25 1.53
C ILE A 113 12.64 -12.68 0.67
N ASN A 114 13.17 -13.53 -0.19
CA ASN A 114 14.24 -13.14 -1.12
C ASN A 114 13.63 -12.99 -2.52
N GLU A 115 14.50 -12.63 -3.48
CA GLU A 115 14.11 -12.39 -4.84
C GLU A 115 13.44 -13.59 -5.52
N GLY A 116 13.99 -14.79 -5.29
CA GLY A 116 13.47 -16.03 -5.88
C GLY A 116 12.05 -16.34 -5.45
N GLU A 117 11.80 -16.14 -4.15
CA GLU A 117 10.46 -16.30 -3.57
C GLU A 117 9.53 -15.21 -4.10
N ALA A 118 10.04 -13.97 -4.21
CA ALA A 118 9.22 -12.86 -4.75
C ALA A 118 8.76 -13.15 -6.19
N THR A 119 9.65 -13.76 -6.98
CA THR A 119 9.37 -14.11 -8.39
C THR A 119 8.19 -15.11 -8.48
N LYS A 120 8.13 -16.06 -7.56
CA LYS A 120 7.05 -17.06 -7.51
C LYS A 120 5.71 -16.48 -7.11
N VAL A 121 5.67 -15.45 -6.26
CA VAL A 121 4.37 -14.86 -5.90
C VAL A 121 3.99 -13.60 -6.70
N ALA A 122 4.87 -13.11 -7.58
CA ALA A 122 4.66 -11.81 -8.27
C ALA A 122 3.39 -11.69 -9.09
N ASP A 123 3.03 -12.74 -9.84
CA ASP A 123 1.81 -12.70 -10.67
C ASP A 123 0.54 -12.60 -9.82
N LYS A 124 0.48 -13.39 -8.75
CA LYS A 124 -0.62 -13.33 -7.82
C LYS A 124 -0.66 -11.95 -7.15
N ALA A 125 0.50 -11.47 -6.66
CA ALA A 125 0.56 -10.16 -5.97
C ALA A 125 0.01 -9.04 -6.82
N VAL A 126 0.42 -8.99 -8.09
CA VAL A 126 -0.09 -7.99 -9.05
C VAL A 126 -1.60 -8.14 -9.35
N GLU A 127 -2.08 -9.38 -9.44
CA GLU A 127 -3.50 -9.67 -9.67
C GLU A 127 -4.39 -9.07 -8.55
N VAL A 128 -3.97 -9.21 -7.28
CA VAL A 128 -4.72 -8.65 -6.15
C VAL A 128 -4.41 -7.15 -5.96
N ALA A 129 -3.20 -6.69 -6.28
CA ALA A 129 -2.82 -5.28 -6.07
C ALA A 129 -3.31 -4.32 -7.16
N LYS A 130 -3.63 -4.82 -8.36
CA LYS A 130 -4.01 -3.95 -9.48
C LYS A 130 -5.29 -3.18 -9.17
N PRO A 131 -5.45 -2.00 -9.79
CA PRO A 131 -6.65 -1.21 -9.45
C PRO A 131 -7.88 -1.87 -10.01
N SER A 132 -8.91 -2.02 -9.18
CA SER A 132 -10.19 -2.60 -9.62
C SER A 132 -10.91 -1.61 -10.55
N GLU A 133 -12.02 -2.07 -11.12
CA GLU A 133 -12.80 -1.27 -12.03
C GLU A 133 -13.43 -0.08 -11.29
N SER A 134 -13.99 -0.30 -10.10
CA SER A 134 -14.55 0.82 -9.32
C SER A 134 -13.45 1.83 -8.87
N THR A 135 -12.25 1.34 -8.56
CA THR A 135 -11.11 2.22 -8.20
C THR A 135 -10.73 3.13 -9.38
N VAL A 136 -10.63 2.56 -10.58
CA VAL A 136 -10.29 3.34 -11.78
C VAL A 136 -11.38 4.37 -12.05
N THR A 137 -12.64 3.95 -11.93
CA THR A 137 -13.80 4.85 -12.11
C THR A 137 -13.72 6.03 -11.16
N ASP A 138 -13.44 5.76 -9.87
CA ASP A 138 -13.34 6.82 -8.85
C ASP A 138 -12.11 7.69 -8.99
N LEU A 140 -10.70 8.57 -11.81
CA LEU A 140 -11.01 9.49 -12.94
C LEU A 140 -12.12 10.50 -12.66
N ALA A 141 -13.16 10.06 -11.96
CA ALA A 141 -14.28 10.91 -11.62
C ALA A 141 -13.97 11.85 -10.46
N GLY A 142 -12.96 11.58 -9.64
CA GLY A 142 -12.65 12.45 -8.49
C GLY A 142 -13.59 12.26 -7.31
N THR A 143 -14.20 11.06 -7.21
CA THR A 143 -15.20 10.72 -6.19
C THR A 143 -14.78 11.09 -4.77
N THR A 144 -13.54 10.74 -4.42
CA THR A 144 -12.99 10.98 -3.09
C THR A 144 -12.09 12.24 -3.00
N ALA A 145 -11.97 13.03 -4.06
CA ALA A 145 -11.10 14.22 -4.05
C ALA A 145 -11.68 15.38 -3.23
N THR A 146 -10.80 16.21 -2.69
CA THR A 146 -11.21 17.43 -2.02
C THR A 146 -11.68 18.42 -3.12
N PRO A 147 -12.43 19.47 -2.75
CA PRO A 147 -12.88 20.41 -3.78
C PRO A 147 -11.78 21.04 -4.66
N GLU A 148 -10.63 21.34 -4.06
CA GLU A 148 -9.49 21.95 -4.75
C GLU A 148 -8.87 20.93 -5.73
N GLU A 149 -8.75 19.67 -5.27
CA GLU A 149 -8.25 18.57 -6.10
C GLU A 149 -9.19 18.23 -7.26
N LYS A 150 -10.49 18.25 -7.01
CA LYS A 150 -11.49 17.97 -8.02
C LYS A 150 -11.42 19.01 -9.14
N LYS A 151 -11.38 20.28 -8.76
CA LYS A 151 -11.22 21.39 -9.68
C LYS A 151 -9.95 21.24 -10.52
N ALA A 152 -8.82 20.93 -9.87
CA ALA A 152 -7.53 20.76 -10.57
C ALA A 152 -7.54 19.53 -11.47
N LEU A 153 -8.14 18.42 -11.02
CA LEU A 153 -8.34 17.19 -11.82
C LEU A 153 -9.19 17.50 -13.08
N ASP A 154 -10.28 18.24 -12.91
CA ASP A 154 -11.16 18.59 -14.03
C ASP A 154 -10.48 19.44 -15.09
N GLU A 155 -9.64 20.40 -14.65
CA GLU A 155 -8.82 21.21 -15.55
C GLU A 155 -7.78 20.33 -16.27
N THR A 156 -7.20 19.35 -15.56
CA THR A 156 -6.22 18.43 -16.16
C THR A 156 -6.85 17.56 -17.25
N LEU A 157 -8.02 17.00 -16.93
CA LEU A 157 -8.79 16.18 -17.87
C LEU A 157 -9.25 16.96 -19.10
N GLU A 158 -9.53 18.23 -18.91
CA GLU A 158 -9.93 19.12 -19.97
C GLU A 158 -8.77 19.36 -20.98
N ALA A 160 -5.92 17.23 -21.10
CA ALA A 160 -5.51 15.88 -21.53
C ALA A 160 -6.55 15.16 -22.40
N GLY A 161 -7.83 15.50 -22.27
CA GLY A 161 -8.92 14.84 -22.99
C GLY A 161 -9.47 13.75 -22.08
N GLY A 162 -8.60 12.81 -21.72
CA GLY A 162 -8.89 11.74 -20.79
C GLY A 162 -7.59 11.07 -20.34
N LYS A 164 -6.12 6.98 -19.64
CA LYS A 164 -6.32 5.56 -19.87
C LYS A 164 -5.38 4.86 -18.88
N VAL A 165 -5.95 4.07 -17.95
CA VAL A 165 -5.16 3.30 -16.95
C VAL A 165 -4.79 2.00 -17.65
N GLY A 166 -3.49 1.77 -17.84
CA GLY A 166 -3.00 0.57 -18.54
C GLY A 166 -2.97 -0.65 -17.66
N GLU A 167 -2.48 -1.75 -18.24
CA GLU A 167 -2.34 -3.04 -17.54
C GLU A 167 -1.27 -2.96 -16.46
N THR A 168 -1.57 -3.49 -15.27
CA THR A 168 -0.60 -3.52 -14.17
C THR A 168 0.34 -4.71 -14.38
N THR A 169 1.65 -4.47 -14.34
CA THR A 169 2.67 -5.51 -14.55
C THR A 169 3.61 -5.57 -13.32
N PRO A 170 4.18 -6.76 -13.03
CA PRO A 170 5.14 -6.89 -11.93
C PRO A 170 6.58 -6.53 -12.32
N GLU A 171 7.32 -5.98 -11.38
CA GLU A 171 8.76 -5.79 -11.50
C GLU A 171 9.32 -6.29 -10.15
N VAL A 172 10.03 -7.41 -10.15
CA VAL A 172 10.58 -8.02 -8.94
C VAL A 172 11.94 -7.37 -8.67
N LEU A 173 12.16 -6.85 -7.46
CA LEU A 173 13.43 -6.21 -7.09
C LEU A 173 14.30 -7.22 -6.35
N ALA A 174 15.59 -6.99 -6.37
CA ALA A 174 16.57 -7.91 -5.80
C ALA A 174 16.49 -8.09 -4.28
N ASP A 175 15.89 -7.14 -3.55
CA ASP A 175 15.62 -7.27 -2.11
C ASP A 175 14.36 -8.10 -1.74
N GLY A 176 13.59 -8.57 -2.74
CA GLY A 176 12.37 -9.32 -2.45
C GLY A 176 11.08 -8.50 -2.53
N SER A 177 11.20 -7.17 -2.71
CA SER A 177 10.02 -6.33 -2.89
CA SER A 177 10.03 -6.30 -2.93
C SER A 177 9.53 -6.54 -4.33
N ILE A 178 8.26 -6.24 -4.56
CA ILE A 178 7.66 -6.37 -5.88
C ILE A 178 7.02 -5.03 -6.22
N LEU A 179 7.30 -4.44 -7.38
CA LEU A 179 6.63 -3.23 -7.81
C LEU A 179 5.46 -3.61 -8.72
N ALA A 180 4.26 -3.07 -8.41
CA ALA A 180 3.07 -3.23 -9.26
C ALA A 180 3.11 -1.94 -10.10
N ILE A 181 3.46 -2.08 -11.38
CA ILE A 181 3.61 -0.95 -12.29
C ILE A 181 2.30 -0.70 -13.03
N THR A 182 1.66 0.44 -12.78
CA THR A 182 0.38 0.80 -13.42
C THR A 182 0.59 2.07 -14.27
N PRO A 183 0.74 1.94 -15.61
CA PRO A 183 0.93 3.15 -16.44
C PRO A 183 -0.40 3.89 -16.65
N VAL A 184 -0.34 5.22 -16.72
CA VAL A 184 -1.50 6.08 -16.97
C VAL A 184 -1.11 7.01 -18.11
N LYS A 185 -1.82 6.89 -19.23
CA LYS A 185 -1.52 7.66 -20.45
C LYS A 185 -2.57 8.72 -20.70
N PHE A 186 -2.13 9.95 -20.97
CA PHE A 186 -3.08 11.02 -21.34
C PHE A 186 -3.43 10.85 -22.82
N THR A 187 -4.68 11.12 -23.17
CA THR A 187 -5.12 11.01 -24.57
C THR A 187 -4.32 12.00 -25.41
N ASN A 188 -4.16 13.24 -24.91
CA ASN A 188 -3.35 14.30 -25.53
C ASN A 188 -2.32 14.75 -24.51
N PRO A 189 -1.03 14.81 -24.88
CA PRO A 189 -0.08 15.33 -23.90
C PRO A 189 -0.39 16.78 -23.44
N ILE A 190 -0.16 17.08 -22.15
CA ILE A 190 -0.39 18.43 -21.62
C ILE A 190 0.86 19.27 -21.85
N GLN A 191 0.70 20.34 -22.61
CA GLN A 191 1.79 21.22 -22.98
C GLN A 191 1.82 22.46 -22.07
N ASP A 192 3.02 22.77 -21.53
CA ASP A 192 3.26 23.94 -20.68
CA ASP A 192 3.29 23.92 -20.65
C ASP A 192 2.19 24.21 -19.61
N ALA A 193 1.78 23.17 -18.89
CA ALA A 193 0.78 23.29 -17.83
C ALA A 193 0.93 22.15 -16.82
N PRO A 194 0.68 22.42 -15.53
CA PRO A 194 0.72 21.36 -14.52
C PRO A 194 -0.50 20.43 -14.60
N ALA A 195 -0.40 19.26 -13.98
CA ALA A 195 -1.46 18.25 -13.96
C ALA A 195 -1.73 17.79 -12.54
N VAL A 197 -3.22 14.57 -10.82
CA VAL A 197 -3.47 13.21 -11.24
C VAL A 197 -3.80 12.25 -10.10
N PRO A 198 -4.63 11.21 -10.39
CA PRO A 198 -4.94 10.24 -9.36
C PRO A 198 -3.89 9.13 -9.21
N TYR A 199 -3.76 8.63 -8.00
CA TYR A 199 -3.00 7.40 -7.72
C TYR A 199 -3.88 6.58 -6.78
N PHE A 200 -3.53 5.32 -6.61
CA PHE A 200 -4.25 4.45 -5.71
C PHE A 200 -3.24 3.56 -4.97
N TYR A 201 -3.67 3.03 -3.84
CA TYR A 201 -2.90 2.08 -3.07
C TYR A 201 -3.81 1.12 -2.34
N ASN A 202 -3.23 0.05 -1.84
CA ASN A 202 -3.94 -1.00 -1.15
C ASN A 202 -3.64 -0.95 0.35
N GLU A 203 -4.68 -1.09 1.16
CA GLU A 203 -4.59 -1.19 2.61
C GLU A 203 -4.99 -2.62 2.96
N GLY A 204 -4.22 -3.24 3.85
CA GLY A 204 -4.43 -4.61 4.28
C GLY A 204 -3.36 -5.54 3.75
N CYS A 205 -3.59 -6.84 3.92
CA CYS A 205 -2.68 -7.85 3.40
C CYS A 205 -3.43 -8.96 2.71
N GLU A 206 -2.75 -9.62 1.80
CA GLU A 206 -3.33 -10.70 0.99
C GLU A 206 -2.36 -11.85 0.97
N LEU A 207 -2.92 -13.03 0.77
CA LEU A 207 -2.16 -14.25 0.66
C LEU A 207 -1.72 -14.27 -0.82
N THR A 208 -0.41 -14.21 -1.07
CA THR A 208 0.12 -14.21 -2.44
C THR A 208 0.83 -15.52 -2.83
N GLY A 209 1.20 -16.32 -1.85
CA GLY A 209 1.80 -17.61 -2.08
C GLY A 209 0.92 -18.68 -1.46
N ASP A 210 1.07 -19.90 -1.96
CA ASP A 210 0.31 -21.05 -1.47
C ASP A 210 0.59 -21.37 0.00
N VAL A 211 -0.45 -21.70 0.74
CA VAL A 211 -0.35 -22.15 2.12
C VAL A 211 -0.01 -23.63 2.00
N LYS A 212 1.09 -24.06 2.59
CA LYS A 212 1.51 -25.49 2.56
C LYS A 212 1.76 -26.04 3.96
N GLU A 213 1.49 -27.32 4.16
CA GLU A 213 1.77 -27.96 5.44
C GLU A 213 3.31 -28.06 5.53
N VAL A 214 3.88 -27.67 6.66
CA VAL A 214 5.33 -27.80 6.91
C VAL A 214 5.55 -29.28 7.29
N ALA A 215 6.54 -29.92 6.67
CA ALA A 215 6.91 -31.31 7.00
C ALA A 215 5.74 -32.32 6.90
N ALA A 216 4.99 -32.25 5.79
CA ALA A 216 3.86 -33.17 5.56
C ALA A 216 4.37 -34.60 5.29
N PRO A 217 3.71 -35.66 5.83
CA PRO A 217 4.12 -37.04 5.43
C PRO A 217 3.86 -37.34 3.92
N VAL A 218 4.41 -38.45 3.39
CA VAL A 218 4.19 -38.88 2.00
C VAL A 218 3.34 -40.15 2.01
N ALA A 224 -2.81 -30.13 -1.34
CA ALA A 224 -3.78 -29.04 -1.41
C ALA A 224 -4.33 -28.77 0.01
N VAL A 225 -4.35 -27.50 0.46
CA VAL A 225 -4.80 -27.13 1.83
C VAL A 225 -6.22 -26.57 1.79
N ALA A 226 -7.08 -27.02 2.72
CA ALA A 226 -8.51 -26.63 2.73
C ALA A 226 -8.71 -25.11 2.89
N ALA A 227 -9.81 -24.61 2.34
CA ALA A 227 -10.18 -23.17 2.34
C ALA A 227 -10.24 -22.53 3.73
N ASP A 228 -10.83 -23.24 4.69
CA ASP A 228 -10.92 -22.77 6.08
C ASP A 228 -9.54 -22.59 6.75
N ILE A 229 -8.57 -23.49 6.44
CA ILE A 229 -7.20 -23.35 6.96
C ILE A 229 -6.56 -22.12 6.34
N GLN A 230 -6.74 -21.94 5.04
CA GLN A 230 -6.25 -20.75 4.34
C GLN A 230 -6.81 -19.44 4.88
N LYS A 231 -8.10 -19.45 5.22
CA LYS A 231 -8.77 -18.28 5.80
C LYS A 231 -8.20 -18.00 7.21
N ALA A 232 -8.05 -19.04 8.01
CA ALA A 232 -7.49 -18.94 9.37
C ALA A 232 -6.02 -18.44 9.33
N PHE A 233 -5.27 -18.92 8.34
CA PHE A 233 -3.88 -18.51 8.10
C PHE A 233 -3.83 -17.01 7.79
N LEU A 234 -4.60 -16.56 6.80
CA LEU A 234 -4.62 -15.11 6.45
C LEU A 234 -5.10 -14.26 7.60
N SER A 235 -6.14 -14.72 8.30
CA SER A 235 -6.69 -13.96 9.41
C SER A 235 -5.64 -13.72 10.50
N ASN A 236 -4.91 -14.77 10.86
CA ASN A 236 -3.86 -14.65 11.87
C ASN A 236 -2.61 -13.96 11.38
N ALA A 237 -2.30 -14.09 10.06
CA ALA A 237 -1.19 -13.32 9.46
C ALA A 237 -1.49 -11.81 9.55
N ALA A 238 -2.73 -11.42 9.23
CA ALA A 238 -3.16 -10.01 9.29
C ALA A 238 -3.06 -9.43 10.71
N LYS A 239 -3.46 -10.21 11.71
CA LYS A 239 -3.34 -9.79 13.14
C LYS A 239 -1.87 -9.60 13.52
N ALA A 240 -1.01 -10.53 13.12
CA ALA A 240 0.43 -10.46 13.39
C ALA A 240 1.07 -9.21 12.77
N LEU A 241 0.56 -8.82 11.61
CA LEU A 241 1.02 -7.64 10.91
C LEU A 241 0.30 -6.33 11.35
N ASN A 242 -0.78 -6.41 12.15
CA ASN A 242 -1.63 -5.25 12.50
C ASN A 242 -2.20 -4.57 11.24
N ASN A 244 -5.62 -5.22 8.15
CA ASN A 244 -6.84 -5.96 7.78
C ASN A 244 -6.48 -7.11 6.85
N ALA A 245 -7.26 -8.18 6.93
CA ALA A 245 -7.16 -9.32 6.01
C ALA A 245 -7.91 -8.89 4.73
N GLY A 246 -7.23 -8.89 3.58
CA GLY A 246 -7.80 -8.49 2.29
C GLY A 246 -7.49 -7.04 2.01
N PHE A 247 -7.28 -6.71 0.73
CA PHE A 247 -7.00 -5.36 0.32
C PHE A 247 -8.26 -4.53 0.17
N VAL A 248 -8.22 -3.29 0.64
CA VAL A 248 -9.23 -2.27 0.38
C VAL A 248 -8.41 -1.17 -0.31
N GLN A 249 -8.91 -0.66 -1.41
CA GLN A 249 -8.20 0.32 -2.22
C GLN A 249 -8.54 1.76 -1.86
N LYS A 250 -7.50 2.59 -1.75
CA LYS A 250 -7.63 4.01 -1.43
C LYS A 250 -7.07 4.84 -2.58
N ILE A 251 -7.56 6.06 -2.72
CA ILE A 251 -7.23 6.94 -3.83
C ILE A 251 -6.71 8.28 -3.31
N GLY A 252 -5.65 8.79 -3.93
CA GLY A 252 -5.09 10.11 -3.65
C GLY A 252 -4.86 10.87 -4.96
N TYR A 253 -4.55 12.16 -4.83
CA TYR A 253 -4.28 13.07 -5.93
C TYR A 253 -2.95 13.76 -5.65
N THR A 254 -2.13 13.96 -6.69
CA THR A 254 -0.85 14.68 -6.56
C THR A 254 -0.57 15.47 -7.83
N ARG A 255 0.17 16.56 -7.69
CA ARG A 255 0.54 17.45 -8.77
C ARG A 255 1.75 16.92 -9.52
N ILE A 256 1.74 17.12 -10.84
CA ILE A 256 2.89 16.93 -11.71
C ILE A 256 3.14 18.39 -12.16
N SER A 257 4.28 18.95 -11.76
CA SER A 257 4.60 20.35 -12.08
C SER A 257 5.09 20.50 -13.52
N VAL A 258 5.03 21.74 -14.02
CA VAL A 258 5.48 22.07 -15.37
C VAL A 258 7.00 21.96 -15.43
N LEU A 259 7.52 21.30 -16.47
CA LEU A 259 8.97 21.21 -16.71
C LEU A 259 9.15 21.87 -18.08
N ASN A 260 9.66 23.10 -18.09
CA ASN A 260 9.78 23.92 -19.32
C ASN A 260 10.46 23.20 -20.46
N GLY A 261 9.85 23.29 -21.65
CA GLY A 261 10.33 22.58 -22.84
C GLY A 261 9.94 21.12 -22.94
N TYR A 262 9.05 20.66 -22.07
CA TYR A 262 8.57 19.28 -22.08
C TYR A 262 7.07 19.26 -21.85
N SER A 263 6.37 18.37 -22.53
CA SER A 263 4.95 18.14 -22.30
C SER A 263 4.84 16.95 -21.31
N ILE A 264 3.67 16.77 -20.70
CA ILE A 264 3.45 15.63 -19.80
C ILE A 264 2.61 14.64 -20.63
N LEU A 265 3.18 13.47 -20.90
CA LEU A 265 2.48 12.41 -21.65
C LEU A 265 1.57 11.63 -20.77
N GLY A 266 1.86 11.66 -19.47
CA GLY A 266 1.16 10.84 -18.50
C GLY A 266 2.14 10.52 -17.38
N TYR A 267 1.91 9.40 -16.71
CA TYR A 267 2.70 9.01 -15.57
C TYR A 267 2.57 7.52 -15.26
N THR A 268 3.45 7.04 -14.39
CA THR A 268 3.43 5.66 -13.93
C THR A 268 3.24 5.64 -12.42
N ILE A 269 2.33 4.78 -11.97
CA ILE A 269 2.13 4.52 -10.56
C ILE A 269 2.94 3.25 -10.26
N LYS A 270 3.84 3.33 -9.26
CA LYS A 270 4.61 2.18 -8.83
C LYS A 270 4.24 1.86 -7.39
N GLY A 271 3.63 0.69 -7.18
CA GLY A 271 3.22 0.25 -5.85
C GLY A 271 4.22 -0.75 -5.31
N GLN A 272 4.84 -0.44 -4.16
CA GLN A 272 5.83 -1.31 -3.53
C GLN A 272 5.15 -2.34 -2.64
N LEU A 273 5.22 -3.59 -3.05
CA LEU A 273 4.60 -4.69 -2.32
C LEU A 273 5.72 -5.44 -1.59
N VAL A 274 5.61 -5.49 -0.27
CA VAL A 274 6.54 -6.15 0.63
C VAL A 274 5.85 -7.43 1.10
N SER A 275 6.64 -8.49 1.27
CA SER A 275 6.09 -9.80 1.66
C SER A 275 6.76 -10.42 2.90
N LYS A 276 6.03 -11.31 3.55
CA LYS A 276 6.46 -12.04 4.74
C LYS A 276 6.09 -13.51 4.60
N LYS A 277 6.97 -14.39 5.08
CA LYS A 277 6.73 -15.83 5.12
C LYS A 277 6.50 -16.12 6.60
N LEU A 278 5.27 -16.50 6.95
CA LEU A 278 4.85 -16.79 8.33
C LEU A 278 4.43 -18.24 8.48
N THR A 279 4.52 -18.74 9.72
CA THR A 279 4.12 -20.10 10.07
C THR A 279 3.16 -20.06 11.25
N PHE A 280 2.04 -20.79 11.14
CA PHE A 280 1.07 -20.90 12.20
C PHE A 280 0.75 -22.35 12.48
N LEU A 281 0.55 -22.70 13.76
CA LEU A 281 0.01 -24.02 14.15
C LEU A 281 -1.53 -23.82 14.08
N ILE A 282 -2.21 -24.49 13.16
CA ILE A 282 -3.66 -24.37 12.92
C ILE A 282 -4.25 -25.79 12.93
N SER A 283 -5.10 -26.09 13.92
CA SER A 283 -5.73 -27.40 14.11
C SER A 283 -4.71 -28.56 14.17
N GLY A 284 -3.66 -28.38 14.99
CA GLY A 284 -2.65 -29.40 15.21
C GLY A 284 -1.60 -29.65 14.14
N LYS A 285 -1.61 -28.86 13.05
CA LYS A 285 -0.59 -28.95 11.98
C LYS A 285 0.00 -27.56 11.70
N TYR A 286 1.27 -27.54 11.30
CA TYR A 286 1.96 -26.30 10.99
C TYR A 286 1.79 -26.00 9.50
N TYR A 287 1.45 -24.75 9.20
CA TYR A 287 1.24 -24.26 7.86
C TYR A 287 2.07 -23.01 7.61
N GLU A 288 2.66 -22.91 6.42
CA GLU A 288 3.43 -21.74 6.04
C GLU A 288 2.93 -21.16 4.71
N GLY A 289 3.04 -19.85 4.58
CA GLY A 289 2.62 -19.15 3.39
C GLY A 289 3.18 -17.75 3.38
N ILE A 290 3.11 -17.14 2.20
CA ILE A 290 3.59 -15.80 1.96
C ILE A 290 2.40 -14.86 1.83
N VAL A 291 2.42 -13.78 2.60
CA VAL A 291 1.44 -12.71 2.52
C VAL A 291 2.14 -11.42 2.08
N SER A 292 1.43 -10.57 1.36
CA SER A 292 1.95 -9.31 0.87
C SER A 292 1.07 -8.13 1.25
N TYR A 293 1.71 -6.97 1.39
CA TYR A 293 1.05 -5.70 1.67
C TYR A 293 1.79 -4.58 0.96
N GLN A 294 1.18 -3.41 0.91
CA GLN A 294 1.77 -2.25 0.24
C GLN A 294 2.40 -1.29 1.24
N LYS A 295 3.69 -1.01 1.07
CA LYS A 295 4.45 -0.12 1.94
C LYS A 295 4.49 1.31 1.39
N SER A 296 4.41 1.44 0.06
CA SER A 296 4.41 2.74 -0.61
C SER A 296 3.80 2.74 -1.98
N VAL A 297 3.53 3.95 -2.45
CA VAL A 297 3.08 4.20 -3.81
C VAL A 297 3.85 5.41 -4.28
N ILE A 299 4.74 8.09 -7.72
CA ILE A 299 4.19 8.65 -8.94
C ILE A 299 5.36 9.22 -9.75
N TYR A 300 5.56 8.64 -10.93
CA TYR A 300 6.65 9.01 -11.84
C TYR A 300 6.07 9.68 -13.10
N PRO A 301 6.21 11.01 -13.24
CA PRO A 301 5.77 11.68 -14.45
C PRO A 301 6.54 11.23 -15.69
N ASN A 302 5.85 11.17 -16.82
CA ASN A 302 6.47 10.85 -18.10
C ASN A 302 6.51 12.15 -18.92
N TYR A 303 7.66 12.81 -18.85
CA TYR A 303 7.93 14.06 -19.56
C TYR A 303 8.50 13.74 -20.95
N TYR A 304 8.09 14.49 -21.98
CA TYR A 304 8.58 14.31 -23.35
C TYR A 304 9.08 15.64 -23.92
N SER A 305 10.23 15.62 -24.58
CA SER A 305 10.83 16.82 -25.20
C SER A 305 10.36 16.98 -26.63
#